data_8I2Z
#
_entry.id   8I2Z
#
_cell.length_a   1.00
_cell.length_b   1.00
_cell.length_c   1.00
_cell.angle_alpha   90.00
_cell.angle_beta   90.00
_cell.angle_gamma   90.00
#
_symmetry.space_group_name_H-M   'P 1'
#
loop_
_entity.id
_entity.type
_entity.pdbx_description
1 polymer Xanthorhodopsin
2 non-polymer RETINAL
3 non-polymer Zeaxanthin
4 water water
#
_entity_poly.entity_id   1
_entity_poly.type   'polypeptide(L)'
_entity_poly.pdbx_seq_one_letter_code
;MSATTLTLQQFSTVYNMLSFAVASMLGAFAFFVMGRKIVGPKYRLALVVSSLVVLIAGYHYWRIMGSWTAAYALKDGMYV
PTGEPFNDAYRYVDWLLTVPLLLTELVLVMKLKKESGSVLAKLILAAIAMIALGYPGEISNPESQAGARLMWGVLSTVPF
LYILYVLWVRLGDAIGEHPAKVQVLLKNTRYLILLTWGFYPIVYAMGSYGWLGGAGSVVAVQVGYSIADVTAKALYGVMI
FAIAYAKSEADGSLPAHHHHHH
;
_entity_poly.pdbx_strand_id   A
#
loop_
_chem_comp.id
_chem_comp.type
_chem_comp.name
_chem_comp.formula
K3I non-polymer Zeaxanthin 'C40 H56 O2'
RET non-polymer RETINAL 'C20 H28 O'
#
# COMPACT_ATOMS: atom_id res chain seq x y z
N ALA A 3 -12.83 -18.07 -17.50
CA ALA A 3 -12.95 -16.65 -17.03
C ALA A 3 -13.73 -15.83 -18.08
N THR A 4 -14.18 -14.66 -17.68
CA THR A 4 -14.95 -13.79 -18.58
C THR A 4 -14.03 -13.24 -19.67
N THR A 5 -14.55 -13.06 -20.85
CA THR A 5 -13.84 -12.37 -21.96
C THR A 5 -13.88 -10.88 -21.71
N LEU A 6 -12.84 -10.19 -22.16
CA LEU A 6 -12.77 -8.71 -22.05
C LEU A 6 -12.90 -8.07 -23.44
N THR A 7 -13.56 -6.94 -23.49
CA THR A 7 -13.51 -6.07 -24.69
C THR A 7 -12.16 -5.39 -24.80
N LEU A 8 -11.90 -4.75 -25.93
CA LEU A 8 -10.61 -4.04 -26.14
C LEU A 8 -10.46 -2.96 -25.07
N GLN A 9 -11.52 -2.20 -24.81
CA GLN A 9 -11.44 -1.07 -23.85
C GLN A 9 -11.16 -1.55 -22.43
N GLN A 10 -11.75 -2.65 -22.00
CA GLN A 10 -11.55 -3.18 -20.64
C GLN A 10 -10.09 -3.61 -20.41
N PHE A 11 -9.58 -4.39 -21.34
CA PHE A 11 -8.17 -4.82 -21.28
C PHE A 11 -7.24 -3.60 -21.30
N SER A 12 -7.53 -2.65 -22.20
CA SER A 12 -6.69 -1.43 -22.36
C SER A 12 -6.71 -0.64 -21.04
N THR A 13 -7.88 -0.52 -20.42
CA THR A 13 -8.00 0.25 -19.17
C THR A 13 -7.11 -0.37 -18.08
N VAL A 14 -7.20 -1.69 -17.92
CA VAL A 14 -6.39 -2.36 -16.90
C VAL A 14 -4.89 -2.21 -17.22
N TYR A 15 -4.52 -2.39 -18.47
CA TYR A 15 -3.10 -2.26 -18.91
C TYR A 15 -2.58 -0.85 -18.64
N ASN A 16 -3.37 0.15 -18.98
CA ASN A 16 -2.97 1.56 -18.77
C ASN A 16 -2.82 1.88 -17.28
N MET A 17 -3.70 1.36 -16.47
CA MET A 17 -3.63 1.64 -14.99
C MET A 17 -2.40 0.93 -14.40
N LEU A 18 -2.09 -0.27 -14.88
CA LEU A 18 -0.86 -0.94 -14.39
C LEU A 18 0.39 -0.15 -14.81
N SER A 19 0.42 0.31 -16.05
CA SER A 19 1.58 1.12 -16.53
C SER A 19 1.69 2.41 -15.71
N PHE A 20 0.55 3.02 -15.39
CA PHE A 20 0.52 4.23 -14.56
C PHE A 20 1.16 3.94 -13.19
N ALA A 21 0.81 2.82 -12.59
CA ALA A 21 1.37 2.44 -11.27
C ALA A 21 2.90 2.25 -11.41
N VAL A 22 3.33 1.61 -12.47
CA VAL A 22 4.80 1.40 -12.67
C VAL A 22 5.52 2.75 -12.76
N ALA A 23 4.99 3.65 -13.58
CA ALA A 23 5.63 4.97 -13.80
C ALA A 23 5.62 5.76 -12.49
N SER A 24 4.52 5.69 -11.75
CA SER A 24 4.41 6.41 -10.46
C SER A 24 5.48 5.90 -9.47
N MET A 25 5.67 4.59 -9.40
CA MET A 25 6.66 4.03 -8.45
C MET A 25 8.07 4.43 -8.89
N LEU A 26 8.35 4.40 -10.17
CA LEU A 26 9.71 4.80 -10.67
C LEU A 26 9.97 6.29 -10.36
N GLY A 27 9.00 7.14 -10.63
CA GLY A 27 9.16 8.57 -10.34
C GLY A 27 9.36 8.82 -8.85
N ALA A 28 8.54 8.15 -8.03
CA ALA A 28 8.61 8.31 -6.57
C ALA A 28 10.01 7.89 -6.09
N PHE A 29 10.53 6.80 -6.63
CA PHE A 29 11.87 6.30 -6.22
C PHE A 29 12.93 7.34 -6.51
N ALA A 30 12.92 7.87 -7.73
CA ALA A 30 13.92 8.89 -8.12
C ALA A 30 13.78 10.10 -7.16
N PHE A 31 12.56 10.54 -6.94
CA PHE A 31 12.32 11.73 -6.11
C PHE A 31 12.83 11.51 -4.69
N PHE A 32 12.52 10.38 -4.07
CA PHE A 32 12.95 10.14 -2.66
C PHE A 32 14.47 10.05 -2.59
N VAL A 33 15.09 9.34 -3.54
CA VAL A 33 16.57 9.23 -3.53
C VAL A 33 17.21 10.62 -3.66
N MET A 34 16.73 11.44 -4.56
CA MET A 34 17.39 12.75 -4.82
C MET A 34 16.99 13.77 -3.75
N GLY A 35 15.79 13.69 -3.21
CA GLY A 35 15.32 14.67 -2.22
C GLY A 35 15.76 14.33 -0.81
N ARG A 36 16.33 13.15 -0.61
CA ARG A 36 16.95 12.84 0.71
C ARG A 36 17.96 13.94 1.09
N LYS A 37 18.72 14.46 0.14
CA LYS A 37 19.74 15.50 0.44
C LYS A 37 19.12 16.87 0.71
N ILE A 38 17.84 17.05 0.43
CA ILE A 38 17.18 18.39 0.60
C ILE A 38 16.76 18.62 2.04
N VAL A 39 16.56 17.58 2.83
CA VAL A 39 16.12 17.71 4.24
C VAL A 39 17.35 17.58 5.14
N GLY A 40 17.17 17.90 6.41
CA GLY A 40 18.22 17.77 7.41
C GLY A 40 18.69 16.32 7.57
N PRO A 41 19.94 16.11 8.03
CA PRO A 41 20.47 14.76 8.14
C PRO A 41 19.72 13.84 9.12
N LYS A 42 18.97 14.42 10.04
CA LYS A 42 18.25 13.64 11.08
C LYS A 42 17.09 12.85 10.48
N TYR A 43 16.56 13.25 9.32
CA TYR A 43 15.34 12.64 8.74
C TYR A 43 15.65 11.81 7.50
N ARG A 44 16.90 11.83 7.04
CA ARG A 44 17.26 11.12 5.78
C ARG A 44 16.97 9.63 5.86
N LEU A 45 17.22 9.01 7.01
CA LEU A 45 16.92 7.56 7.15
C LEU A 45 15.46 7.30 6.80
N ALA A 46 14.57 8.13 7.33
CA ALA A 46 13.12 7.98 7.02
C ALA A 46 12.89 8.01 5.49
N LEU A 47 13.49 8.97 4.80
CA LEU A 47 13.33 9.08 3.34
C LEU A 47 13.88 7.83 2.66
N VAL A 48 14.96 7.29 3.19
CA VAL A 48 15.56 6.05 2.61
C VAL A 48 14.48 4.96 2.59
N VAL A 49 13.83 4.79 3.72
CA VAL A 49 12.79 3.72 3.81
C VAL A 49 11.69 4.01 2.77
N SER A 50 11.28 5.26 2.64
CA SER A 50 10.28 5.63 1.59
C SER A 50 10.70 5.09 0.22
N SER A 51 11.93 5.35 -0.16
CA SER A 51 12.45 4.89 -1.46
C SER A 51 12.31 3.36 -1.57
N LEU A 52 12.69 2.65 -0.51
CA LEU A 52 12.62 1.16 -0.54
C LEU A 52 11.19 0.73 -0.89
N VAL A 53 10.21 1.35 -0.25
CA VAL A 53 8.80 0.97 -0.52
C VAL A 53 8.54 1.12 -2.01
N VAL A 54 8.75 2.31 -2.54
CA VAL A 54 8.33 2.57 -3.94
C VAL A 54 9.23 1.75 -4.85
N LEU A 55 10.40 1.34 -4.38
CA LEU A 55 11.26 0.48 -5.24
C LEU A 55 10.65 -0.92 -5.30
N ILE A 56 10.33 -1.48 -4.14
CA ILE A 56 9.81 -2.87 -4.10
C ILE A 56 8.52 -2.94 -4.91
N ALA A 57 7.54 -2.13 -4.56
CA ALA A 57 6.24 -2.11 -5.29
C ALA A 57 6.49 -1.94 -6.79
N GLY A 58 7.45 -1.10 -7.14
CA GLY A 58 7.77 -0.86 -8.55
C GLY A 58 8.10 -2.17 -9.26
N TYR A 59 9.04 -2.90 -8.70
CA TYR A 59 9.43 -4.20 -9.25
C TYR A 59 8.18 -5.08 -9.37
N HIS A 60 7.42 -5.14 -8.29
CA HIS A 60 6.25 -6.05 -8.27
C HIS A 60 5.26 -5.64 -9.35
N TYR A 61 5.04 -4.35 -9.50
CA TYR A 61 4.08 -3.92 -10.56
C TYR A 61 4.60 -4.26 -11.94
N TRP A 62 5.91 -4.17 -12.13
CA TRP A 62 6.48 -4.57 -13.42
C TRP A 62 6.17 -6.06 -13.68
N ARG A 63 6.11 -6.85 -12.65
CA ARG A 63 5.74 -8.28 -12.83
C ARG A 63 4.23 -8.38 -13.12
N ILE A 64 3.44 -7.64 -12.36
CA ILE A 64 1.96 -7.78 -12.48
C ILE A 64 1.56 -7.42 -13.91
N MET A 65 2.09 -6.33 -14.41
CA MET A 65 1.84 -5.91 -15.81
C MET A 65 2.18 -7.08 -16.75
N GLY A 66 3.35 -7.65 -16.58
CA GLY A 66 3.73 -8.79 -17.43
C GLY A 66 2.75 -9.95 -17.30
N SER A 67 2.24 -10.19 -16.10
CA SER A 67 1.23 -11.25 -15.90
C SER A 67 -0.03 -10.90 -16.70
N TRP A 68 -0.49 -9.65 -16.62
CA TRP A 68 -1.79 -9.28 -17.23
C TRP A 68 -1.78 -9.52 -18.74
N THR A 69 -0.74 -9.06 -19.41
CA THR A 69 -0.57 -9.30 -20.86
C THR A 69 -0.59 -10.81 -21.12
N ALA A 70 0.03 -11.60 -20.25
CA ALA A 70 0.14 -13.06 -20.48
C ALA A 70 -1.20 -13.74 -20.19
N ALA A 71 -2.12 -13.09 -19.48
CA ALA A 71 -3.37 -13.76 -19.06
C ALA A 71 -4.43 -13.73 -20.16
N TYR A 72 -4.27 -12.93 -21.20
CA TYR A 72 -5.29 -12.81 -22.27
C TYR A 72 -4.59 -12.79 -23.62
N ALA A 73 -5.34 -13.20 -24.64
CA ALA A 73 -4.91 -13.14 -26.04
C ALA A 73 -5.96 -12.42 -26.87
N LEU A 74 -5.50 -11.66 -27.84
CA LEU A 74 -6.42 -10.95 -28.77
C LEU A 74 -6.97 -11.95 -29.78
N LYS A 75 -8.28 -12.00 -29.93
CA LYS A 75 -8.93 -13.01 -30.79
C LYS A 75 -10.31 -12.51 -31.19
N ASP A 76 -10.48 -12.17 -32.46
CA ASP A 76 -11.76 -11.71 -33.05
C ASP A 76 -12.23 -10.46 -32.34
N GLY A 77 -11.32 -9.50 -32.14
CA GLY A 77 -11.62 -8.21 -31.50
C GLY A 77 -12.10 -8.39 -30.07
N MET A 78 -11.78 -9.51 -29.44
CA MET A 78 -12.06 -9.73 -28.02
C MET A 78 -10.77 -10.23 -27.37
N TYR A 79 -10.66 -10.01 -26.06
CA TYR A 79 -9.53 -10.54 -25.27
C TYR A 79 -10.00 -11.78 -24.52
N VAL A 80 -9.46 -12.92 -24.88
CA VAL A 80 -9.91 -14.25 -24.36
C VAL A 80 -8.84 -14.73 -23.41
N PRO A 81 -9.22 -15.23 -22.21
CA PRO A 81 -8.22 -15.75 -21.27
C PRO A 81 -7.43 -16.93 -21.85
N THR A 82 -6.13 -16.92 -21.62
CA THR A 82 -5.21 -17.93 -22.16
C THR A 82 -5.09 -19.15 -21.23
N GLY A 83 -5.49 -19.01 -19.96
CA GLY A 83 -5.34 -20.06 -18.95
C GLY A 83 -4.15 -19.83 -18.03
N GLU A 84 -3.20 -18.98 -18.42
CA GLU A 84 -2.16 -18.52 -17.49
C GLU A 84 -2.80 -17.77 -16.34
N PRO A 85 -2.41 -18.06 -15.08
CA PRO A 85 -3.11 -17.48 -13.94
C PRO A 85 -2.90 -15.97 -13.80
N PHE A 86 -3.90 -15.32 -13.22
CA PHE A 86 -3.80 -13.92 -12.78
C PHE A 86 -4.74 -13.72 -11.61
N ASN A 87 -4.18 -13.63 -10.42
CA ASN A 87 -5.01 -13.47 -9.18
C ASN A 87 -4.28 -12.55 -8.20
N ASP A 88 -4.99 -12.15 -7.18
CA ASP A 88 -4.50 -11.14 -6.21
C ASP A 88 -3.46 -11.71 -5.27
N ALA A 89 -3.32 -13.03 -5.18
CA ALA A 89 -2.41 -13.67 -4.20
C ALA A 89 -0.97 -13.14 -4.37
N TYR A 90 -0.53 -12.93 -5.59
CA TYR A 90 0.81 -12.39 -5.86
C TYR A 90 1.04 -11.04 -5.18
N ARG A 91 0.00 -10.23 -5.11
CA ARG A 91 0.11 -8.90 -4.44
C ARG A 91 0.51 -9.03 -2.97
N TYR A 92 0.14 -10.13 -2.34
CA TYR A 92 0.49 -10.34 -0.92
C TYR A 92 2.03 -10.36 -0.77
N VAL A 93 2.73 -10.88 -1.74
CA VAL A 93 4.22 -10.93 -1.68
C VAL A 93 4.76 -9.51 -1.60
N ASP A 94 4.13 -8.59 -2.31
CA ASP A 94 4.51 -7.16 -2.18
C ASP A 94 4.17 -6.66 -0.76
N TRP A 95 2.95 -6.91 -0.33
CA TRP A 95 2.42 -6.29 0.91
C TRP A 95 3.27 -6.66 2.11
N LEU A 96 3.68 -7.93 2.18
CA LEU A 96 4.44 -8.42 3.36
C LEU A 96 5.72 -7.62 3.55
N LEU A 97 6.26 -7.03 2.49
CA LEU A 97 7.41 -6.13 2.69
C LEU A 97 6.96 -4.69 2.87
N THR A 98 6.01 -4.22 2.09
CA THR A 98 5.77 -2.75 2.00
C THR A 98 4.97 -2.28 3.21
N VAL A 99 3.97 -3.03 3.63
CA VAL A 99 3.13 -2.60 4.77
C VAL A 99 3.98 -2.41 6.04
N PRO A 100 4.86 -3.33 6.47
CA PRO A 100 5.72 -3.03 7.62
C PRO A 100 6.64 -1.83 7.40
N LEU A 101 7.18 -1.68 6.18
CA LEU A 101 8.07 -0.53 5.91
C LEU A 101 7.32 0.81 5.98
N LEU A 102 6.09 0.89 5.46
CA LEU A 102 5.29 2.13 5.48
C LEU A 102 5.16 2.66 6.92
N LEU A 103 4.66 1.84 7.81
CA LEU A 103 4.54 2.22 9.24
C LEU A 103 5.92 2.64 9.75
N THR A 104 6.94 1.91 9.35
CA THR A 104 8.32 2.22 9.81
C THR A 104 8.66 3.67 9.51
N GLU A 105 8.45 4.11 8.28
CA GLU A 105 8.87 5.51 7.93
C GLU A 105 8.07 6.51 8.77
N LEU A 106 6.80 6.21 9.02
CA LEU A 106 5.99 7.14 9.82
C LEU A 106 6.58 7.24 11.23
N VAL A 107 7.06 6.14 11.77
CA VAL A 107 7.70 6.20 13.10
C VAL A 107 9.02 6.97 12.97
N LEU A 108 9.80 6.65 11.94
CA LEU A 108 11.16 7.25 11.81
C LEU A 108 11.07 8.76 11.70
N VAL A 109 10.17 9.29 10.89
CA VAL A 109 10.06 10.75 10.72
C VAL A 109 9.51 11.36 12.00
N MET A 110 8.83 10.59 12.84
CA MET A 110 8.15 11.18 14.01
C MET A 110 9.14 11.47 15.14
N LYS A 111 10.24 10.72 15.24
CA LYS A 111 11.28 10.89 16.29
C LYS A 111 10.63 10.78 17.65
N LEU A 112 10.07 9.60 17.94
CA LEU A 112 9.44 9.31 19.24
C LEU A 112 10.49 9.47 20.34
N LYS A 113 10.15 10.23 21.38
CA LYS A 113 11.10 10.51 22.48
C LYS A 113 11.35 9.26 23.32
N LYS A 114 10.32 8.45 23.56
CA LYS A 114 10.45 7.27 24.43
C LYS A 114 9.76 6.07 23.78
N GLU A 115 10.31 4.89 24.01
CA GLU A 115 9.70 3.60 23.58
C GLU A 115 9.49 3.57 22.07
N SER A 116 10.35 4.21 21.29
CA SER A 116 10.25 4.17 19.81
C SER A 116 10.42 2.74 19.31
N GLY A 117 11.43 2.04 19.84
CA GLY A 117 11.73 0.66 19.42
C GLY A 117 10.57 -0.30 19.64
N SER A 118 9.96 -0.26 20.82
CA SER A 118 8.87 -1.18 21.18
C SER A 118 7.65 -0.90 20.30
N VAL A 119 7.32 0.37 20.09
CA VAL A 119 6.16 0.76 19.26
C VAL A 119 6.40 0.27 17.82
N LEU A 120 7.60 0.52 17.30
CA LEU A 120 7.90 0.15 15.91
C LEU A 120 7.86 -1.37 15.79
N ALA A 121 8.43 -2.08 16.73
CA ALA A 121 8.48 -3.57 16.68
C ALA A 121 7.07 -4.14 16.71
N LYS A 122 6.23 -3.62 17.60
CA LYS A 122 4.85 -4.12 17.69
C LYS A 122 4.08 -3.82 16.39
N LEU A 123 4.28 -2.64 15.82
CA LEU A 123 3.60 -2.32 14.55
C LEU A 123 4.08 -3.25 13.43
N ILE A 124 5.37 -3.49 13.33
CA ILE A 124 5.93 -4.37 12.29
C ILE A 124 5.37 -5.79 12.45
N LEU A 125 5.35 -6.28 13.69
CA LEU A 125 4.81 -7.63 13.95
C LEU A 125 3.33 -7.69 13.59
N ALA A 126 2.56 -6.66 13.96
CA ALA A 126 1.12 -6.60 13.63
C ALA A 126 0.91 -6.63 12.10
N ALA A 127 1.70 -5.86 11.36
CA ALA A 127 1.55 -5.79 9.90
C ALA A 127 1.88 -7.16 9.29
N ILE A 128 2.97 -7.75 9.74
CA ILE A 128 3.40 -9.07 9.18
C ILE A 128 2.29 -10.08 9.46
N ALA A 129 1.78 -10.12 10.70
CA ALA A 129 0.73 -11.08 11.08
C ALA A 129 -0.52 -10.83 10.23
N MET A 130 -0.88 -9.57 10.02
CA MET A 130 -2.07 -9.23 9.21
C MET A 130 -1.95 -9.86 7.80
N ILE A 131 -0.85 -9.62 7.12
CA ILE A 131 -0.67 -10.15 5.74
C ILE A 131 -0.59 -11.68 5.79
N ALA A 132 0.13 -12.23 6.77
CA ALA A 132 0.34 -13.70 6.83
C ALA A 132 -0.98 -14.41 7.10
N LEU A 133 -1.85 -13.84 7.93
CA LEU A 133 -3.18 -14.47 8.17
C LEU A 133 -4.11 -14.20 7.00
N GLY A 134 -3.97 -13.07 6.32
CA GLY A 134 -4.80 -12.82 5.13
C GLY A 134 -4.51 -13.79 4.00
N TYR A 135 -3.27 -14.20 3.82
CA TYR A 135 -2.89 -15.02 2.64
C TYR A 135 -3.66 -16.34 2.58
N PRO A 136 -3.77 -17.17 3.64
CA PRO A 136 -4.51 -18.43 3.49
C PRO A 136 -5.99 -18.25 3.10
N GLY A 137 -6.63 -17.17 3.53
CA GLY A 137 -8.03 -16.90 3.16
C GLY A 137 -8.17 -16.47 1.71
N GLU A 138 -7.18 -15.78 1.17
CA GLU A 138 -7.25 -15.28 -0.22
C GLU A 138 -7.25 -16.46 -1.19
N ILE A 139 -6.39 -17.44 -0.97
CA ILE A 139 -6.32 -18.64 -1.85
C ILE A 139 -7.46 -19.61 -1.53
N SER A 140 -8.26 -19.34 -0.51
CA SER A 140 -9.48 -20.14 -0.23
C SER A 140 -10.56 -19.82 -1.26
N ASN A 141 -11.16 -20.85 -1.83
CA ASN A 141 -12.25 -20.65 -2.81
C ASN A 141 -13.46 -20.06 -2.08
N PRO A 142 -14.00 -18.91 -2.52
CA PRO A 142 -15.11 -18.30 -1.79
C PRO A 142 -16.38 -19.15 -1.73
N GLU A 143 -16.54 -20.12 -2.63
CA GLU A 143 -17.75 -20.96 -2.69
C GLU A 143 -17.56 -22.25 -1.91
N SER A 144 -16.56 -23.05 -2.27
CA SER A 144 -16.29 -24.36 -1.61
C SER A 144 -15.70 -24.18 -0.20
N GLN A 145 -14.96 -23.11 0.03
CA GLN A 145 -14.22 -22.94 1.31
C GLN A 145 -14.57 -21.59 1.93
N ALA A 146 -15.85 -21.30 2.04
CA ALA A 146 -16.32 -20.02 2.63
C ALA A 146 -15.92 -19.89 4.10
N GLY A 147 -16.01 -20.99 4.86
CA GLY A 147 -15.70 -20.97 6.30
C GLY A 147 -14.26 -20.58 6.55
N ALA A 148 -13.35 -21.17 5.80
CA ALA A 148 -11.91 -20.89 5.94
C ALA A 148 -11.64 -19.44 5.56
N ARG A 149 -12.26 -18.96 4.50
CA ARG A 149 -12.05 -17.56 4.07
C ARG A 149 -12.52 -16.61 5.15
N LEU A 150 -13.70 -16.87 5.71
CA LEU A 150 -14.25 -15.99 6.79
C LEU A 150 -13.31 -16.02 8.00
N MET A 151 -12.87 -17.21 8.40
CA MET A 151 -12.03 -17.33 9.60
C MET A 151 -10.72 -16.56 9.39
N TRP A 152 -10.08 -16.76 8.24
CA TRP A 152 -8.78 -16.11 7.98
C TRP A 152 -8.95 -14.59 7.89
N GLY A 153 -10.03 -14.12 7.29
CA GLY A 153 -10.26 -12.67 7.21
C GLY A 153 -10.48 -12.08 8.58
N VAL A 154 -11.28 -12.74 9.40
CA VAL A 154 -11.54 -12.23 10.77
C VAL A 154 -10.23 -12.22 11.57
N LEU A 155 -9.43 -13.26 11.45
CA LEU A 155 -8.15 -13.30 12.18
C LEU A 155 -7.21 -12.22 11.66
N SER A 156 -7.26 -11.91 10.36
CA SER A 156 -6.40 -10.87 9.77
C SER A 156 -6.84 -9.47 10.23
N THR A 157 -8.12 -9.28 10.51
CA THR A 157 -8.63 -7.95 10.88
C THR A 157 -8.18 -7.53 12.27
N VAL A 158 -7.85 -8.45 13.14
CA VAL A 158 -7.46 -8.11 14.55
C VAL A 158 -6.18 -7.27 14.56
N PRO A 159 -5.07 -7.71 13.93
CA PRO A 159 -3.90 -6.83 13.85
C PRO A 159 -4.15 -5.51 13.08
N PHE A 160 -5.07 -5.52 12.11
CA PHE A 160 -5.46 -4.27 11.41
C PHE A 160 -6.06 -3.28 12.38
N LEU A 161 -6.96 -3.77 13.23
CA LEU A 161 -7.58 -2.89 14.27
C LEU A 161 -6.53 -2.45 15.27
N TYR A 162 -5.59 -3.33 15.62
CA TYR A 162 -4.51 -2.92 16.55
C TYR A 162 -3.67 -1.79 15.92
N ILE A 163 -3.36 -1.91 14.63
CA ILE A 163 -2.58 -0.88 13.95
C ILE A 163 -3.35 0.46 13.96
N LEU A 164 -4.65 0.41 13.67
CA LEU A 164 -5.45 1.66 13.69
C LEU A 164 -5.49 2.25 15.11
N TYR A 165 -5.64 1.40 16.12
CA TYR A 165 -5.65 1.86 17.52
C TYR A 165 -4.32 2.55 17.86
N VAL A 166 -3.22 1.93 17.48
CA VAL A 166 -1.88 2.51 17.79
C VAL A 166 -1.74 3.83 17.05
N LEU A 167 -2.20 3.89 15.82
CA LEU A 167 -2.09 5.14 15.04
C LEU A 167 -2.90 6.26 15.67
N TRP A 168 -4.07 5.96 16.19
CA TRP A 168 -4.97 7.05 16.69
C TRP A 168 -4.88 7.26 18.20
N VAL A 169 -4.43 6.29 18.98
CA VAL A 169 -4.46 6.40 20.46
C VAL A 169 -3.06 6.62 21.03
N ARG A 170 -2.10 5.74 20.74
CA ARG A 170 -0.71 5.97 21.23
C ARG A 170 -0.09 7.20 20.55
N LEU A 171 -0.27 7.38 19.26
CA LEU A 171 0.50 8.41 18.53
C LEU A 171 -0.13 9.79 18.69
N GLY A 172 -1.26 9.91 19.38
CA GLY A 172 -1.92 11.19 19.65
C GLY A 172 -1.03 12.11 20.47
N ASP A 173 -0.48 11.59 21.55
CA ASP A 173 0.34 12.41 22.48
C ASP A 173 1.63 12.85 21.78
N ALA A 174 2.23 11.99 20.97
CA ALA A 174 3.44 12.33 20.18
C ALA A 174 3.09 13.39 19.12
N ILE A 175 1.95 13.26 18.47
CA ILE A 175 1.51 14.26 17.46
C ILE A 175 1.30 15.62 18.15
N GLY A 176 0.73 15.61 19.35
CA GLY A 176 0.44 16.86 20.08
C GLY A 176 1.70 17.64 20.45
N GLU A 177 2.88 17.04 20.35
CA GLU A 177 4.14 17.70 20.75
C GLU A 177 4.82 18.34 19.54
N HIS A 178 4.15 18.40 18.41
CA HIS A 178 4.72 19.02 17.18
C HIS A 178 4.07 20.38 16.96
N PRO A 179 4.72 21.29 16.22
CA PRO A 179 4.07 22.54 15.82
C PRO A 179 2.83 22.32 14.94
N ALA A 180 2.08 23.39 14.74
CA ALA A 180 0.76 23.33 14.08
C ALA A 180 0.90 22.78 12.65
N LYS A 181 1.88 23.24 11.90
CA LYS A 181 2.10 22.76 10.51
C LYS A 181 2.36 21.26 10.51
N VAL A 182 3.24 20.82 11.39
CA VAL A 182 3.63 19.39 11.44
C VAL A 182 2.42 18.58 11.93
N GLN A 183 1.66 19.12 12.88
CA GLN A 183 0.46 18.42 13.37
C GLN A 183 -0.56 18.25 12.24
N VAL A 184 -0.76 19.27 11.43
CA VAL A 184 -1.71 19.17 10.29
C VAL A 184 -1.21 18.10 9.31
N LEU A 185 0.09 18.13 9.00
CA LEU A 185 0.64 17.13 8.05
C LEU A 185 0.48 15.71 8.62
N LEU A 186 0.74 15.52 9.90
CA LEU A 186 0.64 14.18 10.52
C LEU A 186 -0.80 13.69 10.52
N LYS A 187 -1.74 14.57 10.85
CA LYS A 187 -3.17 14.18 10.87
C LYS A 187 -3.64 13.84 9.47
N ASN A 188 -3.21 14.61 8.48
CA ASN A 188 -3.56 14.31 7.07
C ASN A 188 -2.96 12.96 6.66
N THR A 189 -1.73 12.69 7.08
CA THR A 189 -1.09 11.39 6.77
C THR A 189 -1.88 10.24 7.40
N ARG A 190 -2.33 10.43 8.63
CA ARG A 190 -3.15 9.38 9.29
C ARG A 190 -4.48 9.18 8.55
N TYR A 191 -5.11 10.26 8.12
CA TYR A 191 -6.36 10.15 7.32
C TYR A 191 -6.10 9.42 6.00
N LEU A 192 -4.99 9.71 5.35
CA LEU A 192 -4.63 9.02 4.09
C LEU A 192 -4.43 7.52 4.37
N ILE A 193 -3.92 7.10 5.52
CA ILE A 193 -3.80 5.63 5.78
C ILE A 193 -5.17 4.98 5.85
N LEU A 194 -6.05 5.56 6.66
CA LEU A 194 -7.37 4.99 6.94
C LEU A 194 -8.14 4.85 5.63
N LEU A 195 -8.21 5.91 4.85
CA LEU A 195 -8.91 5.85 3.56
C LEU A 195 -8.30 4.80 2.66
N THR A 196 -6.99 4.79 2.45
CA THR A 196 -6.42 3.90 1.41
C THR A 196 -6.38 2.48 1.94
N TRP A 197 -6.10 2.28 3.22
CA TRP A 197 -5.89 0.89 3.69
C TRP A 197 -7.19 0.10 3.74
N GLY A 198 -8.32 0.73 4.00
CA GLY A 198 -9.59 0.01 3.97
C GLY A 198 -9.95 -0.51 2.60
N PHE A 199 -9.32 -0.02 1.55
CA PHE A 199 -9.69 -0.58 0.23
C PHE A 199 -9.50 -2.09 0.17
N TYR A 200 -8.38 -2.57 0.65
CA TYR A 200 -7.99 -3.99 0.53
C TYR A 200 -8.96 -4.92 1.25
N PRO A 201 -9.30 -4.70 2.53
CA PRO A 201 -10.28 -5.55 3.19
C PRO A 201 -11.66 -5.53 2.50
N ILE A 202 -12.04 -4.39 1.93
CA ILE A 202 -13.34 -4.27 1.23
C ILE A 202 -13.31 -5.16 0.00
N VAL A 203 -12.21 -5.14 -0.73
CA VAL A 203 -12.08 -6.02 -1.93
C VAL A 203 -12.13 -7.47 -1.49
N TYR A 204 -11.43 -7.81 -0.42
CA TYR A 204 -11.45 -9.20 0.09
C TYR A 204 -12.90 -9.61 0.42
N ALA A 205 -13.62 -8.74 1.13
CA ALA A 205 -15.01 -9.04 1.55
C ALA A 205 -15.92 -9.19 0.33
N MET A 206 -15.74 -8.32 -0.67
CA MET A 206 -16.57 -8.42 -1.90
C MET A 206 -16.27 -9.72 -2.64
N GLY A 207 -15.01 -10.13 -2.69
CA GLY A 207 -14.65 -11.43 -3.26
C GLY A 207 -15.17 -12.61 -2.44
N SER A 208 -15.39 -12.43 -1.14
CA SER A 208 -15.96 -13.47 -0.27
C SER A 208 -17.46 -13.65 -0.55
N TYR A 209 -18.16 -12.59 -0.93
CA TYR A 209 -19.63 -12.63 -1.18
C TYR A 209 -19.96 -12.91 -2.64
N GLY A 210 -18.97 -13.07 -3.50
CA GLY A 210 -19.18 -13.40 -4.93
C GLY A 210 -19.71 -12.23 -5.73
N TRP A 211 -19.30 -11.01 -5.42
CA TRP A 211 -19.73 -9.80 -6.16
C TRP A 211 -18.70 -9.39 -7.20
N LEU A 212 -17.61 -10.14 -7.35
CA LEU A 212 -16.49 -9.71 -8.21
C LEU A 212 -16.48 -10.40 -9.57
N GLY A 213 -17.49 -11.22 -9.85
CA GLY A 213 -17.65 -11.82 -11.19
C GLY A 213 -18.03 -10.78 -12.22
N GLY A 214 -17.64 -11.00 -13.46
CA GLY A 214 -18.00 -10.08 -14.54
C GLY A 214 -16.84 -9.21 -14.95
N ALA A 215 -16.82 -8.80 -16.22
CA ALA A 215 -15.69 -8.03 -16.78
C ALA A 215 -15.58 -6.66 -16.09
N GLY A 216 -16.71 -6.02 -15.84
CA GLY A 216 -16.76 -4.72 -15.14
C GLY A 216 -16.07 -4.73 -13.79
N SER A 217 -16.40 -5.73 -12.97
CA SER A 217 -15.84 -5.89 -11.63
C SER A 217 -14.34 -6.16 -11.74
N VAL A 218 -13.96 -6.99 -12.70
CA VAL A 218 -12.54 -7.35 -12.91
C VAL A 218 -11.74 -6.09 -13.20
N VAL A 219 -12.27 -5.25 -14.08
CA VAL A 219 -11.57 -4.01 -14.46
C VAL A 219 -11.49 -3.07 -13.26
N ALA A 220 -12.63 -2.91 -12.58
CA ALA A 220 -12.73 -1.94 -11.47
C ALA A 220 -11.73 -2.33 -10.36
N VAL A 221 -11.61 -3.62 -10.07
CA VAL A 221 -10.74 -4.06 -8.95
C VAL A 221 -9.28 -3.74 -9.29
N GLN A 222 -8.84 -4.00 -10.50
CA GLN A 222 -7.44 -3.70 -10.89
C GLN A 222 -7.19 -2.18 -10.87
N VAL A 223 -8.13 -1.40 -11.38
CA VAL A 223 -7.98 0.07 -11.36
C VAL A 223 -7.91 0.55 -9.90
N GLY A 224 -8.77 0.02 -9.03
CA GLY A 224 -8.77 0.40 -7.61
C GLY A 224 -7.46 0.00 -6.93
N TYR A 225 -6.94 -1.16 -7.27
CA TYR A 225 -5.64 -1.57 -6.73
C TYR A 225 -4.55 -0.57 -7.14
N SER A 226 -4.52 -0.19 -8.40
CA SER A 226 -3.50 0.78 -8.88
C SER A 226 -3.65 2.13 -8.15
N ILE A 227 -4.86 2.63 -8.04
CA ILE A 227 -5.10 3.92 -7.37
C ILE A 227 -4.68 3.82 -5.89
N ALA A 228 -5.14 2.78 -5.22
CA ALA A 228 -4.87 2.59 -3.78
C ALA A 228 -3.36 2.45 -3.54
N ASP A 229 -2.68 1.66 -4.34
CA ASP A 229 -1.22 1.44 -4.15
C ASP A 229 -0.47 2.76 -4.39
N VAL A 230 -0.81 3.48 -5.44
CA VAL A 230 -0.10 4.74 -5.73
C VAL A 230 -0.35 5.72 -4.58
N THR A 231 -1.57 5.88 -4.16
CA THR A 231 -1.88 6.82 -3.07
C THR A 231 -1.19 6.39 -1.76
N ALA A 232 -1.22 5.11 -1.42
CA ALA A 232 -0.71 4.63 -0.13
C ALA A 232 0.83 4.52 -0.13
N LYS A 233 1.48 4.58 -1.28
CA LYS A 233 2.96 4.47 -1.30
C LYS A 233 3.63 5.77 -1.78
N ALA A 234 3.32 6.21 -3.00
CA ALA A 234 4.04 7.39 -3.57
C ALA A 234 3.56 8.69 -2.90
N LEU A 235 2.27 8.92 -2.84
CA LEU A 235 1.75 10.16 -2.18
C LEU A 235 2.01 10.12 -0.69
N TYR A 236 1.98 8.92 -0.10
CA TYR A 236 2.28 8.77 1.35
C TYR A 236 3.74 9.16 1.61
N GLY A 237 4.64 8.68 0.76
CA GLY A 237 6.06 9.06 0.89
C GLY A 237 6.25 10.56 0.66
N VAL A 238 5.50 11.14 -0.25
CA VAL A 238 5.58 12.60 -0.49
C VAL A 238 5.16 13.35 0.78
N MET A 239 4.13 12.87 1.45
CA MET A 239 3.74 13.46 2.75
C MET A 239 4.84 13.27 3.81
N ILE A 240 5.50 12.13 3.80
CA ILE A 240 6.64 11.89 4.73
C ILE A 240 7.72 12.92 4.42
N PHE A 241 8.01 13.14 3.15
CA PHE A 241 9.01 14.13 2.73
C PHE A 241 8.60 15.53 3.21
N ALA A 242 7.32 15.87 3.08
CA ALA A 242 6.81 17.19 3.51
C ALA A 242 6.99 17.36 5.02
N ILE A 243 6.68 16.34 5.78
CA ILE A 243 6.87 16.39 7.26
C ILE A 243 8.35 16.56 7.58
N ALA A 244 9.22 15.81 6.90
CA ALA A 244 10.68 15.90 7.14
C ALA A 244 11.17 17.32 6.80
N TYR A 245 10.70 17.89 5.68
CA TYR A 245 11.13 19.25 5.27
C TYR A 245 10.65 20.27 6.30
N ALA A 246 9.41 20.14 6.77
CA ALA A 246 8.86 21.09 7.77
C ALA A 246 9.66 21.00 9.07
N LYS A 247 9.99 19.80 9.51
CA LYS A 247 10.75 19.65 10.78
C LYS A 247 12.18 20.15 10.60
N SER A 248 12.76 19.95 9.42
CA SER A 248 14.11 20.49 9.12
C SER A 248 14.08 22.01 9.16
N GLU A 249 13.04 22.61 8.60
CA GLU A 249 12.89 24.08 8.62
C GLU A 249 12.65 24.56 10.06
N ALA A 250 11.95 23.79 10.89
CA ALA A 250 11.62 24.21 12.27
C ALA A 250 12.88 24.29 13.14
N ASP A 251 13.79 23.32 13.00
CA ASP A 251 14.99 23.24 13.87
C ASP A 251 16.21 23.87 13.21
N GLY A 252 16.05 24.47 12.03
CA GLY A 252 17.16 25.16 11.35
C GLY A 252 18.20 24.22 10.79
N SER A 253 17.83 22.98 10.46
CA SER A 253 18.75 21.97 9.90
C SER A 253 18.59 21.86 8.39
N LEU A 254 17.82 22.75 7.76
CA LEU A 254 17.62 22.66 6.29
C LEU A 254 18.92 23.02 5.58
N PRO A 255 19.44 22.13 4.72
CA PRO A 255 20.70 22.37 4.01
C PRO A 255 20.75 23.67 3.19
N ALA A 256 19.61 24.11 2.65
CA ALA A 256 19.50 25.34 1.86
C ALA A 256 19.75 26.56 2.77
C1 RET B . -6.36 -8.43 4.04
C2 RET B . -7.19 -9.66 4.42
C3 RET B . -8.47 -9.32 5.05
C4 RET B . -8.18 -8.54 6.32
C5 RET B . -7.31 -7.34 6.06
C6 RET B . -6.47 -7.24 5.02
C7 RET B . -5.70 -6.00 4.84
C8 RET B . -4.76 -5.70 3.89
C9 RET B . -4.08 -4.46 3.76
C10 RET B . -3.19 -4.18 2.72
C11 RET B . -2.45 -3.04 2.44
C12 RET B . -1.58 -2.93 1.33
C13 RET B . -0.79 -1.80 1.00
C14 RET B . 0.06 -1.82 -0.10
C15 RET B . 0.91 -0.83 -0.53
C16 RET B . -4.91 -8.94 3.90
C17 RET B . -6.82 -8.00 2.64
C18 RET B . -7.52 -6.30 7.11
C19 RET B . -4.34 -3.41 4.74
C20 RET B . -0.89 -0.69 1.92
C6 K3I C . -10.84 15.27 6.61
C17 K3I C . -10.63 16.51 4.44
C4 K3I C . -10.11 16.58 8.61
C3 K3I C . -8.85 16.88 7.82
O3 K3I C . -8.16 17.99 8.39
C2 K3I C . -9.22 17.19 6.39
C1 K3I C . -9.87 15.99 5.68
C5 K3I C . -11.08 15.70 7.87
C18 K3I C . -12.31 15.33 8.66
C16 K3I C . -8.77 15.03 5.22
C7 K3I C . -11.56 14.13 6.09
C8 K3I C . -11.65 12.87 6.63
C9 K3I C . -12.14 11.75 5.95
C19 K3I C . -12.65 11.90 4.54
C10 K3I C . -12.18 10.46 6.53
C11 K3I C . -12.87 9.33 6.12
C12 K3I C . -12.64 8.02 6.49
C13 K3I C . -13.12 6.82 5.91
C20 K3I C . -14.01 6.91 4.72
C14 K3I C . -12.76 5.56 6.43
C15 K3I C . -13.02 4.28 5.92
C21 K3I C . -12.65 3.05 6.42
C22 K3I C . -13.00 1.76 6.07
C23 K3I C . -12.63 0.54 6.70
C24 K3I C . -11.72 0.59 7.88
C25 K3I C . -13.07 -0.71 6.20
C26 K3I C . -12.70 -1.99 6.57
C27 K3I C . -13.37 -3.19 6.33
C28 K3I C . -13.08 -4.47 6.88
C29 K3I C . -13.79 -5.62 6.47
C30 K3I C . -11.98 -4.51 7.87
C31 K3I C . -13.58 -6.90 6.91
C32 K3I C . -14.33 -8.09 6.62
C33 K3I C . -15.68 -8.10 6.49
C34 K3I C . -16.39 -9.19 5.73
C35 K3I C . -15.75 -10.54 5.99
C36 K3I C . -14.24 -10.47 5.72
C37 K3I C . -13.56 -9.40 6.57
C38 K3I C . -13.44 -9.96 7.99
C39 K3I C . -12.16 -9.14 6.00
O1 K3I C . -16.35 -11.53 5.16
C41 K3I C . -16.60 -7.02 7.00
#